data_8VJP
#
_entry.id   8VJP
#
_cell.length_a   31.039
_cell.length_b   62.811
_cell.length_c   81.224
_cell.angle_alpha   90.000
_cell.angle_beta   90.000
_cell.angle_gamma   90.000
#
_symmetry.space_group_name_H-M   'P 21 21 21'
#
loop_
_entity.id
_entity.type
_entity.pdbx_description
1 polymer 'Induced myeloid leukemia cell differentiation protein Mcl-1'
2 polymer 'Histidine-covalent stapled alpha-helical peptide'
3 non-polymer '(S~1~R)-3-carbamoyl-4-methoxybenzene-1-sulfinic acid'
4 non-polymer (4Z)-oct-4-en-1-ol
5 water water
#
loop_
_entity_poly.entity_id
_entity_poly.type
_entity_poly.pdbx_seq_one_letter_code
_entity_poly.pdbx_strand_id
1 'polypeptide(L)'
;GSHMDELYRQSLEIISRYLREQATGAKDTKPMGRSGATSRKALETLRRVGDGVQRNHETAFQGMLRKLDIKNEDDVKSLS
RVMIHVFSDGVTNWGRIVTLISFGAFVAKHLKTINQESCIEPLAESITDVLVRTKRDWLVKQRGWDGFVEFFHVED
;
A
2 'polypeptide(L)' (ACY)AIAEQLRAIGDAF(NH2) B
#
# COMPACT_ATOMS: atom_id res chain seq x y z
N ASP A 5 10.51 15.01 -1.30
CA ASP A 5 9.93 16.08 -2.08
C ASP A 5 8.40 15.98 -2.17
N GLU A 6 7.83 16.60 -3.21
CA GLU A 6 6.39 16.54 -3.42
C GLU A 6 5.92 15.11 -3.65
N LEU A 7 6.70 14.32 -4.40
CA LEU A 7 6.29 12.94 -4.65
C LEU A 7 6.24 12.16 -3.36
N TYR A 8 7.19 12.42 -2.47
CA TYR A 8 7.18 11.76 -1.18
C TYR A 8 5.97 12.17 -0.36
N ARG A 9 5.72 13.48 -0.25
CA ARG A 9 4.58 13.96 0.53
C ARG A 9 3.27 13.40 -0.03
N GLN A 10 3.07 13.51 -1.35
CA GLN A 10 1.84 13.01 -1.95
C GLN A 10 1.66 11.53 -1.70
N SER A 11 2.73 10.75 -1.83
CA SER A 11 2.65 9.31 -1.62
C SER A 11 2.29 8.99 -0.17
N LEU A 12 2.98 9.60 0.78
CA LEU A 12 2.69 9.35 2.19
C LEU A 12 1.28 9.78 2.54
N GLU A 13 0.81 10.90 1.98
CA GLU A 13 -0.56 11.33 2.22
C GLU A 13 -1.56 10.30 1.72
N ILE A 14 -1.40 9.84 0.48
CA ILE A 14 -2.33 8.87 -0.10
C ILE A 14 -2.31 7.57 0.70
N ILE A 15 -1.11 7.04 0.94
CA ILE A 15 -1.01 5.74 1.57
C ILE A 15 -1.49 5.80 3.02
N SER A 16 -1.09 6.86 3.75
CA SER A 16 -1.55 7.06 5.12
C SER A 16 -3.06 7.16 5.17
N ARG A 17 -3.65 7.96 4.29
CA ARG A 17 -5.10 8.10 4.33
C ARG A 17 -5.78 6.77 4.07
N TYR A 18 -5.31 6.01 3.10
CA TYR A 18 -5.92 4.72 2.80
C TYR A 18 -5.81 3.76 3.97
N LEU A 19 -4.62 3.64 4.55
CA LEU A 19 -4.43 2.69 5.66
C LEU A 19 -5.24 3.06 6.87
N ARG A 20 -5.28 4.35 7.22
CA ARG A 20 -6.05 4.80 8.37
C ARG A 20 -7.55 4.58 8.15
N GLU A 21 -8.04 4.89 6.95
CA GLU A 21 -9.46 4.70 6.65
C GLU A 21 -9.83 3.22 6.66
N GLN A 22 -8.96 2.38 6.11
CA GLN A 22 -9.19 0.94 6.16
C GLN A 22 -9.26 0.43 7.59
N ALA A 23 -8.37 0.92 8.46
CA ALA A 23 -8.33 0.43 9.83
C ALA A 23 -9.54 0.87 10.64
N THR A 24 -10.01 2.10 10.43
CA THR A 24 -11.02 2.69 11.30
C THR A 24 -12.40 2.75 10.68
N GLY A 25 -12.51 2.66 9.36
CA GLY A 25 -13.77 2.87 8.70
C GLY A 25 -14.23 4.32 8.70
N ALA A 26 -13.32 5.25 8.94
CA ALA A 26 -13.66 6.68 8.98
C ALA A 26 -12.91 7.37 7.86
N LYS A 27 -13.65 8.03 6.96
CA LYS A 27 -13.01 8.84 5.94
C LYS A 27 -12.55 10.15 6.58
N ASP A 28 -11.30 10.51 6.33
CA ASP A 28 -10.78 11.78 6.83
C ASP A 28 -11.44 12.94 6.09
N THR A 29 -11.97 13.90 6.84
CA THR A 29 -12.74 14.99 6.25
C THR A 29 -11.90 16.17 5.80
N LYS A 30 -10.61 16.20 6.12
CA LYS A 30 -9.80 17.38 5.87
C LYS A 30 -9.28 17.40 4.44
N PRO A 31 -8.99 18.58 3.90
CA PRO A 31 -8.58 18.66 2.50
C PRO A 31 -7.19 18.08 2.28
N MET A 32 -6.98 17.56 1.08
CA MET A 32 -5.67 17.12 0.63
C MET A 32 -4.75 18.31 0.43
N GLY A 33 -3.44 18.02 0.35
CA GLY A 33 -2.45 19.02 -0.02
C GLY A 33 -2.41 19.26 -1.51
N ARG A 34 -1.24 19.67 -2.00
CA ARG A 34 -1.08 19.99 -3.40
C ARG A 34 -1.42 18.79 -4.28
N SER A 35 -1.92 19.07 -5.47
CA SER A 35 -2.30 18.02 -6.43
C SER A 35 -3.42 17.16 -5.87
N GLY A 36 -4.42 17.83 -5.26
CA GLY A 36 -5.46 17.12 -4.53
C GLY A 36 -6.31 16.22 -5.41
N ALA A 37 -6.61 16.66 -6.64
CA ALA A 37 -7.44 15.84 -7.51
C ALA A 37 -6.81 14.48 -7.79
N THR A 38 -5.51 14.46 -8.13
CA THR A 38 -4.83 13.19 -8.33
C THR A 38 -4.89 12.34 -7.06
N SER A 39 -4.68 12.96 -5.90
CA SER A 39 -4.68 12.20 -4.66
C SER A 39 -6.05 11.64 -4.35
N ARG A 40 -7.11 12.40 -4.61
CA ARG A 40 -8.46 11.89 -4.40
C ARG A 40 -8.75 10.72 -5.35
N LYS A 41 -8.31 10.82 -6.60
CA LYS A 41 -8.50 9.71 -7.53
C LYS A 41 -7.66 8.50 -7.13
N ALA A 42 -6.46 8.74 -6.61
CA ALA A 42 -5.64 7.62 -6.15
C ALA A 42 -6.32 6.89 -5.00
N LEU A 43 -6.96 7.64 -4.11
CA LEU A 43 -7.68 7.03 -3.00
C LEU A 43 -8.90 6.26 -3.50
N GLU A 44 -9.66 6.84 -4.43
CA GLU A 44 -10.76 6.10 -5.05
C GLU A 44 -10.25 4.80 -5.65
N THR A 45 -9.09 4.85 -6.31
CA THR A 45 -8.54 3.68 -6.97
C THR A 45 -8.13 2.63 -5.95
N LEU A 46 -7.48 3.06 -4.86
CA LEU A 46 -7.10 2.13 -3.81
C LEU A 46 -8.32 1.48 -3.18
N ARG A 47 -9.36 2.26 -2.89
CA ARG A 47 -10.57 1.67 -2.34
C ARG A 47 -11.11 0.58 -3.27
N ARG A 48 -11.21 0.89 -4.55
CA ARG A 48 -11.84 -0.03 -5.50
C ARG A 48 -10.93 -1.23 -5.79
N VAL A 49 -9.68 -0.97 -6.17
CA VAL A 49 -8.79 -2.06 -6.58
C VAL A 49 -8.30 -2.83 -5.36
N GLY A 50 -7.96 -2.13 -4.27
CA GLY A 50 -7.53 -2.81 -3.06
C GLY A 50 -8.58 -3.75 -2.51
N ASP A 51 -9.86 -3.44 -2.75
CA ASP A 51 -10.91 -4.35 -2.31
C ASP A 51 -10.84 -5.68 -3.05
N GLY A 52 -10.59 -5.62 -4.36
CA GLY A 52 -10.46 -6.84 -5.14
C GLY A 52 -9.25 -7.66 -4.75
N VAL A 53 -8.13 -7.01 -4.46
CA VAL A 53 -6.94 -7.74 -4.04
C VAL A 53 -7.22 -8.46 -2.72
N GLN A 54 -7.75 -7.71 -1.74
CA GLN A 54 -7.94 -8.25 -0.41
C GLN A 54 -8.97 -9.38 -0.41
N ARG A 55 -10.00 -9.27 -1.25
CA ARG A 55 -10.98 -10.34 -1.21
C ARG A 55 -10.53 -11.58 -1.99
N ASN A 56 -9.87 -11.39 -3.14
CA ASN A 56 -9.36 -12.54 -3.89
C ASN A 56 -8.31 -13.32 -3.11
N HIS A 57 -7.57 -12.63 -2.23
CA HIS A 57 -6.42 -13.24 -1.57
C HIS A 57 -6.51 -13.15 -0.06
N GLU A 58 -7.73 -13.09 0.47
CA GLU A 58 -7.93 -12.93 1.90
C GLU A 58 -7.26 -14.05 2.70
N THR A 59 -7.45 -15.30 2.27
CA THR A 59 -6.88 -16.41 3.04
C THR A 59 -5.36 -16.33 3.09
N ALA A 60 -4.74 -16.04 1.95
CA ALA A 60 -3.28 -15.89 1.91
C ALA A 60 -2.83 -14.72 2.77
N PHE A 61 -3.54 -13.60 2.70
CA PHE A 61 -3.17 -12.44 3.51
C PHE A 61 -3.26 -12.79 4.99
N GLN A 62 -4.30 -13.54 5.39
CA GLN A 62 -4.40 -13.99 6.78
C GLN A 62 -3.19 -14.82 7.17
N GLY A 63 -2.79 -15.75 6.30
CA GLY A 63 -1.66 -16.60 6.62
C GLY A 63 -0.36 -15.81 6.70
N MET A 64 -0.22 -14.80 5.87
CA MET A 64 0.95 -13.93 5.92
C MET A 64 1.01 -13.19 7.24
N LEU A 65 -0.12 -12.64 7.66
CA LEU A 65 -0.18 -11.93 8.93
C LEU A 65 0.18 -12.86 10.08
N ARG A 66 -0.32 -14.10 10.06
CA ARG A 66 0.02 -15.06 11.10
C ARG A 66 1.52 -15.30 11.15
N LYS A 67 2.13 -15.55 9.98
CA LYS A 67 3.57 -15.78 9.86
C LYS A 67 4.34 -14.66 10.54
N LEU A 68 4.06 -13.43 10.13
CA LEU A 68 4.81 -12.29 10.64
C LEU A 68 4.50 -12.02 12.10
N ASP A 69 3.28 -12.32 12.55
CA ASP A 69 2.89 -12.07 13.94
C ASP A 69 3.17 -10.63 14.33
N ILE A 70 2.78 -9.71 13.45
CA ILE A 70 3.08 -8.29 13.66
C ILE A 70 2.25 -7.80 14.83
N LYS A 71 2.93 -7.30 15.81
CA LYS A 71 2.29 -6.79 17.02
C LYS A 71 3.06 -5.60 17.54
N ASN A 72 4.14 -5.20 16.88
CA ASN A 72 4.98 -4.13 17.37
C ASN A 72 5.53 -3.35 16.20
N GLU A 73 5.85 -2.09 16.46
CA GLU A 73 6.46 -1.23 15.45
C GLU A 73 7.74 -1.86 14.88
N ASP A 74 8.17 -2.99 15.43
CA ASP A 74 9.40 -3.66 15.00
C ASP A 74 9.16 -4.81 14.02
N ASP A 75 8.05 -5.53 14.16
CA ASP A 75 7.67 -6.48 13.12
C ASP A 75 7.43 -5.77 11.82
N VAL A 76 7.16 -4.48 11.89
CA VAL A 76 6.95 -3.75 10.66
C VAL A 76 8.28 -3.64 9.90
N LYS A 77 9.41 -3.52 10.64
CA LYS A 77 10.74 -3.52 10.01
C LYS A 77 10.98 -4.82 9.26
N SER A 78 10.59 -5.95 9.85
CA SER A 78 10.69 -7.22 9.13
C SER A 78 9.86 -7.18 7.86
N LEU A 79 8.65 -6.59 7.94
CA LEU A 79 7.80 -6.45 6.76
C LEU A 79 8.45 -5.57 5.70
N SER A 80 9.15 -4.51 6.13
CA SER A 80 9.83 -3.65 5.17
C SER A 80 10.88 -4.41 4.36
N ARG A 81 11.69 -5.25 5.01
CA ARG A 81 12.63 -6.08 4.28
C ARG A 81 11.90 -6.99 3.29
N VAL A 82 10.77 -7.57 3.70
CA VAL A 82 10.00 -8.41 2.79
C VAL A 82 9.53 -7.59 1.60
N MET A 83 9.06 -6.37 1.85
CA MET A 83 8.50 -5.57 0.78
C MET A 83 9.57 -5.13 -0.20
N ILE A 84 10.75 -4.76 0.30
CA ILE A 84 11.86 -4.49 -0.62
C ILE A 84 12.16 -5.74 -1.44
N HIS A 85 12.13 -6.90 -0.79
CA HIS A 85 12.48 -8.16 -1.44
C HIS A 85 11.55 -8.51 -2.59
N VAL A 86 10.26 -8.15 -2.49
CA VAL A 86 9.34 -8.30 -3.61
C VAL A 86 9.98 -7.84 -4.92
N PHE A 87 10.63 -6.68 -4.89
CA PHE A 87 11.15 -6.08 -6.13
C PHE A 87 12.53 -6.58 -6.52
N SER A 88 13.12 -7.50 -5.75
CA SER A 88 14.51 -7.89 -5.99
C SER A 88 14.70 -8.74 -7.22
N ASP A 89 13.62 -9.22 -7.83
CA ASP A 89 13.72 -9.91 -9.10
C ASP A 89 13.80 -8.93 -10.28
N GLY A 90 13.81 -7.63 -10.02
CA GLY A 90 13.90 -6.64 -11.05
C GLY A 90 12.60 -6.32 -11.76
N VAL A 91 11.48 -6.89 -11.32
CA VAL A 91 10.18 -6.69 -11.94
C VAL A 91 9.45 -5.62 -11.14
N THR A 92 8.87 -4.65 -11.84
CA THR A 92 8.04 -3.63 -11.22
C THR A 92 6.82 -3.42 -12.09
N ASN A 93 5.66 -3.34 -11.46
CA ASN A 93 4.44 -3.03 -12.20
C ASN A 93 3.43 -2.48 -11.20
N TRP A 94 2.37 -1.89 -11.74
CA TRP A 94 1.40 -1.26 -10.86
C TRP A 94 0.63 -2.29 -10.03
N GLY A 95 0.51 -3.52 -10.55
CA GLY A 95 -0.15 -4.56 -9.78
C GLY A 95 0.59 -4.87 -8.49
N ARG A 96 1.92 -4.97 -8.56
CA ARG A 96 2.70 -5.23 -7.36
C ARG A 96 2.57 -4.07 -6.38
N ILE A 97 2.54 -2.84 -6.89
CA ILE A 97 2.42 -1.68 -6.02
C ILE A 97 1.07 -1.65 -5.31
N VAL A 98 -0.02 -1.87 -6.04
CA VAL A 98 -1.33 -1.87 -5.40
C VAL A 98 -1.46 -3.03 -4.41
N THR A 99 -0.82 -4.15 -4.71
CA THR A 99 -0.87 -5.31 -3.83
C THR A 99 -0.14 -5.05 -2.52
N LEU A 100 1.02 -4.41 -2.58
CA LEU A 100 1.71 -4.07 -1.33
C LEU A 100 0.90 -3.12 -0.47
N ILE A 101 0.28 -2.12 -1.10
CA ILE A 101 -0.52 -1.19 -0.33
C ILE A 101 -1.74 -1.90 0.23
N SER A 102 -2.34 -2.80 -0.55
CA SER A 102 -3.49 -3.58 -0.09
C SER A 102 -3.12 -4.46 1.09
N PHE A 103 -1.97 -5.12 1.03
CA PHE A 103 -1.54 -5.89 2.18
C PHE A 103 -1.28 -4.98 3.37
N GLY A 104 -0.73 -3.79 3.11
CA GLY A 104 -0.57 -2.81 4.17
C GLY A 104 -1.88 -2.48 4.86
N ALA A 105 -2.95 -2.34 4.07
CA ALA A 105 -4.27 -2.08 4.67
C ALA A 105 -4.73 -3.25 5.53
N PHE A 106 -4.46 -4.47 5.05
CA PHE A 106 -4.84 -5.66 5.80
C PHE A 106 -4.11 -5.69 7.15
N VAL A 107 -2.83 -5.30 7.14
CA VAL A 107 -2.06 -5.21 8.39
C VAL A 107 -2.56 -4.07 9.27
N ALA A 108 -2.88 -2.92 8.67
CA ALA A 108 -3.39 -1.79 9.45
C ALA A 108 -4.66 -2.17 10.20
N LYS A 109 -5.55 -2.91 9.54
CA LYS A 109 -6.74 -3.40 10.22
C LYS A 109 -6.38 -4.28 11.41
N HIS A 110 -5.44 -5.19 11.22
CA HIS A 110 -5.01 -6.04 12.33
C HIS A 110 -4.41 -5.22 13.47
N LEU A 111 -3.57 -4.23 13.14
CA LEU A 111 -2.97 -3.38 14.17
C LEU A 111 -4.03 -2.67 14.99
N LYS A 112 -5.09 -2.18 14.34
CA LYS A 112 -6.16 -1.54 15.10
C LYS A 112 -6.83 -2.53 16.04
N THR A 113 -7.12 -3.74 15.55
CA THR A 113 -7.85 -4.68 16.41
C THR A 113 -7.05 -5.11 17.63
N ILE A 114 -5.73 -5.09 17.57
CA ILE A 114 -4.90 -5.44 18.73
C ILE A 114 -4.47 -4.20 19.51
N ASN A 115 -5.08 -3.06 19.23
CA ASN A 115 -4.85 -1.82 19.96
C ASN A 115 -3.43 -1.27 19.82
N GLN A 116 -2.95 -1.25 18.59
CA GLN A 116 -1.69 -0.61 18.22
C GLN A 116 -1.89 0.37 17.08
N GLU A 117 -2.98 1.14 17.14
CA GLU A 117 -3.40 1.92 15.98
C GLU A 117 -2.38 2.96 15.56
N SER A 118 -1.60 3.49 16.51
CA SER A 118 -0.62 4.51 16.15
C SER A 118 0.51 3.96 15.30
N CYS A 119 0.72 2.64 15.29
CA CYS A 119 1.71 2.01 14.42
C CYS A 119 1.34 2.02 12.95
N ILE A 120 0.09 2.40 12.64
CA ILE A 120 -0.28 2.62 11.24
C ILE A 120 0.56 3.73 10.64
N GLU A 121 0.97 4.70 11.46
CA GLU A 121 1.85 5.74 10.94
C GLU A 121 3.20 5.22 10.46
N PRO A 122 4.01 4.51 11.26
CA PRO A 122 5.25 3.95 10.72
C PRO A 122 5.02 2.93 9.63
N LEU A 123 3.89 2.22 9.66
CA LEU A 123 3.57 1.30 8.58
C LEU A 123 3.42 2.05 7.26
N ALA A 124 2.65 3.13 7.26
CA ALA A 124 2.49 3.94 6.05
C ALA A 124 3.84 4.49 5.60
N GLU A 125 4.69 4.88 6.55
CA GLU A 125 6.01 5.39 6.21
C GLU A 125 6.85 4.34 5.51
N SER A 126 6.80 3.11 6.01
CA SER A 126 7.62 2.05 5.45
C SER A 126 7.18 1.69 4.03
N ILE A 127 5.88 1.61 3.79
CA ILE A 127 5.41 1.35 2.44
C ILE A 127 5.76 2.49 1.51
N THR A 128 5.58 3.73 1.99
CA THR A 128 5.94 4.88 1.17
C THR A 128 7.41 4.83 0.78
N ASP A 129 8.27 4.46 1.72
CA ASP A 129 9.69 4.41 1.42
C ASP A 129 10.01 3.43 0.29
N VAL A 130 9.27 2.33 0.17
CA VAL A 130 9.58 1.38 -0.91
C VAL A 130 9.25 1.98 -2.28
N LEU A 131 8.19 2.78 -2.35
CA LEU A 131 7.80 3.38 -3.62
C LEU A 131 8.68 4.57 -3.98
N VAL A 132 8.97 5.44 -3.02
CA VAL A 132 9.60 6.72 -3.34
C VAL A 132 11.11 6.71 -3.14
N ARG A 133 11.65 5.70 -2.48
CA ARG A 133 13.10 5.55 -2.40
C ARG A 133 13.55 4.35 -3.23
N THR A 134 13.11 3.15 -2.88
CA THR A 134 13.56 1.96 -3.56
C THR A 134 13.21 1.98 -5.05
N LYS A 135 11.98 2.37 -5.39
CA LYS A 135 11.49 2.33 -6.76
C LYS A 135 11.26 3.73 -7.33
N ARG A 136 12.01 4.72 -6.84
CA ARG A 136 11.79 6.11 -7.25
C ARG A 136 11.87 6.28 -8.76
N ASP A 137 12.89 5.70 -9.40
CA ASP A 137 13.07 5.97 -10.83
C ASP A 137 11.91 5.42 -11.64
N TRP A 138 11.44 4.21 -11.29
CA TRP A 138 10.31 3.63 -11.99
C TRP A 138 9.04 4.44 -11.74
N LEU A 139 8.81 4.82 -10.49
CA LEU A 139 7.63 5.61 -10.15
C LEU A 139 7.58 6.90 -10.97
N VAL A 140 8.71 7.62 -11.05
CA VAL A 140 8.75 8.86 -11.80
C VAL A 140 8.55 8.61 -13.28
N LYS A 141 9.22 7.60 -13.83
CA LYS A 141 9.07 7.29 -15.24
C LYS A 141 7.64 6.93 -15.59
N GLN A 142 6.92 6.29 -14.68
CA GLN A 142 5.55 5.86 -14.92
C GLN A 142 4.52 6.92 -14.54
N ARG A 143 4.95 8.15 -14.29
CA ARG A 143 4.08 9.30 -14.03
C ARG A 143 3.44 9.26 -12.65
N GLY A 144 4.08 8.59 -11.71
CA GLY A 144 3.64 8.68 -10.32
C GLY A 144 2.18 8.29 -10.16
N TRP A 145 1.48 9.05 -9.31
CA TRP A 145 0.11 8.71 -8.97
C TRP A 145 -0.84 8.93 -10.14
N ASP A 146 -0.49 9.82 -11.07
CA ASP A 146 -1.30 9.94 -12.28
C ASP A 146 -1.21 8.69 -13.13
N GLY A 147 -0.01 8.10 -13.20
CA GLY A 147 0.13 6.83 -13.89
C GLY A 147 -0.63 5.72 -13.21
N PHE A 148 -0.60 5.69 -11.87
CA PHE A 148 -1.36 4.70 -11.12
C PHE A 148 -2.84 4.80 -11.41
N VAL A 149 -3.37 6.03 -11.36
CA VAL A 149 -4.80 6.25 -11.61
C VAL A 149 -5.15 5.81 -13.02
N GLU A 150 -4.32 6.18 -14.00
CA GLU A 150 -4.62 5.80 -15.37
C GLU A 150 -4.59 4.29 -15.56
N PHE A 151 -3.62 3.61 -14.93
CA PHE A 151 -3.48 2.17 -15.13
C PHE A 151 -4.75 1.44 -14.70
N PHE A 152 -5.38 1.91 -13.63
CA PHE A 152 -6.54 1.22 -13.07
C PHE A 152 -7.86 1.88 -13.41
N HIS A 153 -7.89 2.82 -14.36
CA HIS A 153 -9.11 3.55 -14.65
C HIS A 153 -10.19 2.62 -15.17
N VAL A 154 -11.43 2.92 -14.81
CA VAL A 154 -12.59 2.13 -15.25
C VAL A 154 -13.03 2.61 -16.63
N GLU A 155 -13.02 1.71 -17.59
CA GLU A 155 -13.45 2.07 -18.93
C GLU A 155 -14.93 2.43 -18.96
N ASP A 156 -15.30 3.34 -19.85
CA ASP A 156 -16.70 3.70 -20.03
C ASP A 156 -17.56 2.45 -20.23
N ALA B 2 6.95 -18.37 2.36
CA ALA B 2 7.49 -17.29 1.56
C ALA B 2 6.52 -16.21 1.13
N ILE B 3 6.56 -15.18 1.93
CA ILE B 3 5.71 -14.01 1.73
C ILE B 3 5.98 -13.18 0.50
N ALA B 4 7.23 -12.85 0.24
CA ALA B 4 7.53 -12.05 -0.95
C ALA B 4 7.04 -12.72 -2.23
N GLU B 5 7.22 -14.04 -2.36
CA GLU B 5 6.75 -14.74 -3.58
C GLU B 5 5.25 -14.63 -3.75
N GLN B 6 4.52 -14.73 -2.64
CA GLN B 6 3.05 -14.64 -2.74
C GLN B 6 2.64 -13.23 -3.15
N LEU B 7 3.27 -12.20 -2.56
CA LEU B 7 2.93 -10.82 -2.90
C LEU B 7 3.25 -10.58 -4.36
N ARG B 8 4.41 -11.10 -4.82
CA ARG B 8 4.77 -10.89 -6.22
C ARG B 8 3.74 -11.46 -7.16
N ALA B 9 3.35 -12.71 -6.90
CA ALA B 9 2.34 -13.40 -7.74
C ALA B 9 1.14 -12.66 -7.88
N ILE B 10 0.56 -12.17 -6.74
CA ILE B 10 -0.70 -11.39 -6.77
C ILE B 10 -0.54 -10.16 -7.42
N GLY B 11 0.67 -9.48 -7.33
CA GLY B 11 0.80 -8.19 -8.02
C GLY B 11 0.92 -8.38 -9.42
N ASP B 12 1.53 -9.52 -9.94
CA ASP B 12 1.64 -9.69 -11.41
C ASP B 12 0.37 -9.97 -11.98
N ALA B 13 -0.60 -10.70 -11.29
CA ALA B 13 -1.97 -11.03 -11.85
C ALA B 13 -2.66 -9.77 -11.91
N PHE B 14 -2.52 -8.86 -10.92
CA PHE B 14 -3.21 -7.53 -10.95
C PHE B 14 -2.61 -6.47 -11.88
#